data_6DLT
#
_entry.id   6DLT
#
_cell.length_a   83.567
_cell.length_b   90.756
_cell.length_c   74.174
_cell.angle_alpha   90.00
_cell.angle_beta   122.00
_cell.angle_gamma   90.00
#
_symmetry.space_group_name_H-M   'C 1 2 1'
#
loop_
_entity.id
_entity.type
_entity.pdbx_description
1 polymer 'PRPP Riboswitch'
2 non-polymer 'MAGNESIUM ION'
3 non-polymer 'SODIUM ION'
4 non-polymer 1-O-pyrophosphono-5-O-phosphono-alpha-D-ribofuranose
5 water water
#
_entity_poly.entity_id   1
_entity_poly.type   'polyribonucleotide'
_entity_poly.pdbx_seq_one_letter_code
;(GTP)GAAAGUGUGUCUAGGGUUCCGCGUGCUUCGGCACGGACUGGUCCAAGUGACACAGACGCAUUCGUGCGUUACACC
GGAGGGAUAGAAGCCCAGGCGGGUAGGUUU(CCC)
;
_entity_poly.pdbx_strand_id   A
#
loop_
_chem_comp.id
_chem_comp.type
_chem_comp.name
_chem_comp.formula
A RNA linking ADENOSINE-5'-MONOPHOSPHATE 'C10 H14 N5 O7 P'
C RNA linking CYTIDINE-5'-MONOPHOSPHATE 'C9 H14 N3 O8 P'
CCC RNA linking 'CYTIDINE-5'-PHOSPHATE-2',3'-CYCLIC PHOSPHATE' 'C9 H13 N3 O10 P2'
G RNA linking GUANOSINE-5'-MONOPHOSPHATE 'C10 H14 N5 O8 P'
GTP non-polymer GUANOSINE-5'-TRIPHOSPHATE 'C10 H16 N5 O14 P3'
MG non-polymer 'MAGNESIUM ION' 'Mg 2'
NA non-polymer 'SODIUM ION' 'Na 1'
PRP D-saccharide 1-O-pyrophosphono-5-O-phosphono-alpha-D-ribofuranose 'C5 H13 O14 P3'
U RNA linking URIDINE-5'-MONOPHOSPHATE 'C9 H13 N2 O9 P'
#
# COMPACT_ATOMS: atom_id res chain seq x y z
PG GTP A 1 4.66 -0.69 7.70
O1G GTP A 1 4.88 0.72 7.18
O2G GTP A 1 3.44 -0.66 8.61
O3G GTP A 1 5.89 -1.12 8.47
O3B GTP A 1 4.48 -1.72 6.47
PB GTP A 1 3.85 -3.17 6.76
O1B GTP A 1 3.72 -4.05 5.54
O2B GTP A 1 4.71 -3.83 7.83
O3A GTP A 1 2.41 -2.77 7.32
PA GTP A 1 1.62 -3.70 8.35
O1A GTP A 1 2.33 -5.02 8.62
O2A GTP A 1 1.47 -2.90 9.63
O5' GTP A 1 0.22 -3.97 7.56
C5' GTP A 1 0.21 -4.44 6.25
C4' GTP A 1 0.25 -5.96 6.27
O4' GTP A 1 -0.78 -6.46 7.10
C3' GTP A 1 -0.08 -6.48 4.90
O3' GTP A 1 1.12 -6.69 4.16
C2' GTP A 1 -0.96 -7.72 5.03
O2' GTP A 1 -0.25 -8.96 5.08
C1' GTP A 1 -1.63 -7.34 6.36
N9 GTP A 1 -2.96 -6.71 6.10
C8 GTP A 1 -3.28 -5.38 6.31
N7 GTP A 1 -4.58 -5.18 5.95
C5 GTP A 1 -5.09 -6.37 5.53
C6 GTP A 1 -6.37 -6.73 5.04
O6 GTP A 1 -7.24 -5.86 4.98
N1 GTP A 1 -6.63 -8.05 4.66
C2 GTP A 1 -5.63 -9.02 4.74
N2 GTP A 1 -5.90 -10.28 4.36
N3 GTP A 1 -4.36 -8.67 5.22
C4 GTP A 1 -4.10 -7.36 5.60
PC CCC A 107 -11.65 5.42 3.45
O1C CCC A 107 -11.78 5.20 1.95
O2C CCC A 107 -12.78 4.73 4.15
P CCC A 107 -7.27 10.56 4.62
OP1 CCC A 107 -8.00 11.77 5.10
OP2 CCC A 107 -6.17 9.95 5.47
O5' CCC A 107 -8.34 9.42 4.31
C5' CCC A 107 -9.17 9.46 3.15
C4' CCC A 107 -9.49 8.02 2.78
O4' CCC A 107 -8.25 7.37 2.49
C3' CCC A 107 -10.12 7.30 3.97
O3' CCC A 107 -11.50 6.95 3.76
C2' CCC A 107 -9.32 5.98 4.05
O2' CCC A 107 -10.23 4.89 3.88
C1' CCC A 107 -8.34 6.01 2.89
N1 CCC A 107 -7.07 5.56 3.44
C2 CCC A 107 -6.71 4.27 3.32
O2 CCC A 107 -7.41 3.48 2.71
N3 CCC A 107 -5.53 3.80 3.84
C4 CCC A 107 -4.73 4.62 4.51
N4 CCC A 107 -3.61 4.11 4.99
C5 CCC A 107 -5.08 5.98 4.67
C6 CCC A 107 -6.28 6.42 4.13
MG MG B . 7.40 3.14 -19.34
MG MG C . 6.86 8.90 -19.00
MG MG D . 11.74 -3.28 -11.12
NA NA E . 16.29 13.56 -50.89
NA NA F . 25.68 -2.50 -45.36
NA NA G . 13.04 36.62 3.59
C1 PRP H . 5.70 -2.38 -6.33
C2 PRP H . 6.21 -1.09 -6.95
C3 PRP H . 5.42 -1.02 -8.24
C4 PRP H . 5.29 -2.49 -8.62
C5 PRP H . 6.19 -2.87 -9.76
O1 PRP H . 4.56 -2.16 -5.82
O2 PRP H . 5.98 0.05 -6.10
O3 PRP H . 4.10 -0.50 -8.04
O4 PRP H . 5.58 -3.27 -7.42
O5 PRP H . 7.57 -2.90 -9.38
P PRP H . 8.66 -3.01 -10.54
O1P PRP H . 8.15 -2.25 -11.76
O2P PRP H . 9.97 -2.41 -10.06
O3P PRP H . 8.84 -4.48 -10.86
PA PRP H . 4.12 -2.78 -4.39
O1A PRP H . 5.33 -3.10 -3.54
O2A PRP H . 3.17 -3.95 -4.50
O3A PRP H . 3.19 -1.59 -3.76
PB PRP H . 3.53 -0.09 -3.35
O1B PRP H . 4.63 0.48 -4.22
O2B PRP H . 2.27 0.72 -3.61
O3B PRP H . 3.94 -0.05 -1.92
#